data_7R1T
#
_entry.id   7R1T
#
_cell.length_a   168.216
_cell.length_b   168.216
_cell.length_c   51.505
_cell.angle_alpha   90.000
_cell.angle_beta   90.000
_cell.angle_gamma   120.000
#
_symmetry.space_group_name_H-M   'P 31 2 1'
#
loop_
_entity.id
_entity.type
_entity.pdbx_description
1 polymer "2'-O-methyltransferase nsp16"
2 polymer 'Non-structural protein 10'
3 non-polymer '(2~{S})-2-azanyl-4-[[(2~{S},3~{S},4~{R},5~{R})-5-(4-azanyl-5-cyano-pyrrolo[2,3-d]pyrimidin-7-yl)-3,4-bis(oxidanyl)oxolan-2-yl]methylsulfanyl]butanoic acid'
4 non-polymer 'PHOSPHATE ION'
5 non-polymer '2-(N-MORPHOLINO)-ETHANESULFONIC ACID'
6 non-polymer 'ZINC ION'
7 water water
#
loop_
_entity_poly.entity_id
_entity_poly.type
_entity_poly.pdbx_seq_one_letter_code
_entity_poly.pdbx_strand_id
1 'polypeptide(L)'
;MSSQAWQPGVAMPNLYKMQRMLLEKCDLQNYGDSATLPKGIMMNVAKYTQLCQYLNTLTLAVPYNMRVIHFGAGSDKGVA
PGTAVLRQWLPTGTLLVDSDLNDFVSDADSTLIGDCATVHTANKWDLIISDMYDPKTKNVTKENDSKEGFFTYICGFIQQ
KLALGGSVAIKITEHSWNADLYKLMGHFAWWTAFVTNVNASSSEAFLIGCNYLGKPREQIDGYVMHANYIFWRNTNPIQL
SSYSLFDMSKFPLKLRGTAVMSLKEGQINDMILSLLSKGRLIIRENNRVVISSDVLVNN
;
A
2 'polypeptide(L)'
;MNSTVLSFCAFAVDAAKAYKDYLASGGQPITNCVKMLCTHTGTGQAITVTPEANMDQESFGGASCCLYCRCHIDHPNPKG
FCDLKGKYVQIPTTCANDPVGFTLKNTVCTVCGMWKGYGCSCD
;
B
#
# COMPACT_ATOMS: atom_id res chain seq x y z
N MET A 1 -25.80 -7.42 -4.04
CA MET A 1 -25.47 -7.59 -2.63
C MET A 1 -25.26 -9.06 -2.31
N SER A 2 -24.28 -9.33 -1.45
CA SER A 2 -23.95 -10.68 -0.96
C SER A 2 -23.39 -11.59 -2.05
N SER A 3 -23.55 -11.19 -3.30
CA SER A 3 -22.83 -11.82 -4.41
C SER A 3 -21.44 -11.22 -4.43
N GLN A 4 -21.37 -9.96 -4.02
CA GLN A 4 -20.14 -9.21 -3.94
C GLN A 4 -19.24 -9.74 -2.83
N ALA A 5 -19.84 -10.48 -1.91
CA ALA A 5 -19.12 -10.96 -0.74
C ALA A 5 -17.93 -11.84 -1.11
N TRP A 6 -17.92 -12.37 -2.33
CA TRP A 6 -16.81 -13.21 -2.75
C TRP A 6 -15.77 -12.41 -3.53
N GLN A 7 -16.06 -11.13 -3.73
CA GLN A 7 -15.10 -10.21 -4.33
C GLN A 7 -14.17 -9.60 -3.28
N PRO A 8 -13.05 -9.00 -3.71
CA PRO A 8 -12.20 -8.27 -2.77
C PRO A 8 -12.85 -7.00 -2.24
N GLY A 9 -13.81 -6.47 -2.99
CA GLY A 9 -14.52 -5.28 -2.58
C GLY A 9 -15.53 -4.88 -3.62
N VAL A 10 -16.12 -3.69 -3.47
CA VAL A 10 -17.14 -3.23 -4.39
C VAL A 10 -16.78 -1.86 -4.98
N ALA A 11 -16.86 -1.74 -6.29
CA ALA A 11 -16.57 -0.49 -6.97
C ALA A 11 -17.86 0.28 -7.26
N MET A 12 -17.78 1.60 -7.16
CA MET A 12 -18.93 2.46 -7.41
C MET A 12 -19.44 2.30 -8.83
N PRO A 13 -20.69 1.85 -8.98
CA PRO A 13 -21.31 1.58 -10.28
C PRO A 13 -21.43 2.82 -11.14
N ASN A 14 -21.19 2.67 -12.44
CA ASN A 14 -21.17 3.79 -13.38
C ASN A 14 -22.39 4.67 -13.31
N LEU A 15 -23.55 4.06 -13.12
CA LEU A 15 -24.80 4.80 -13.11
C LEU A 15 -24.82 5.84 -12.00
N TYR A 16 -24.13 5.55 -10.90
CA TYR A 16 -24.12 6.46 -9.77
C TYR A 16 -23.24 7.66 -10.06
N LYS A 17 -22.27 7.48 -10.96
CA LYS A 17 -21.37 8.57 -11.31
C LYS A 17 -22.07 9.61 -12.16
N MET A 18 -23.12 9.20 -12.86
CA MET A 18 -23.78 10.06 -13.81
C MET A 18 -24.87 10.91 -13.17
N GLN A 19 -25.08 10.76 -11.88
CA GLN A 19 -26.15 11.50 -11.22
C GLN A 19 -25.69 12.88 -10.80
N ARG A 20 -26.62 13.68 -10.33
CA ARG A 20 -26.28 14.93 -9.69
C ARG A 20 -27.02 14.99 -8.37
N MET A 21 -26.30 14.88 -7.27
CA MET A 21 -26.94 14.72 -5.98
C MET A 21 -26.46 15.80 -5.02
N LEU A 22 -27.25 16.06 -3.99
CA LEU A 22 -26.82 16.98 -2.97
C LEU A 22 -26.13 16.20 -1.87
N LEU A 23 -25.07 16.76 -1.32
CA LEU A 23 -24.34 16.08 -0.28
C LEU A 23 -25.20 15.92 0.95
N GLU A 24 -25.30 14.69 1.44
CA GLU A 24 -25.98 14.43 2.69
C GLU A 24 -25.02 13.81 3.68
N LYS A 25 -25.47 13.60 4.90
CA LYS A 25 -24.66 12.92 5.89
C LYS A 25 -24.59 11.45 5.51
N CYS A 26 -23.44 10.84 5.70
CA CYS A 26 -23.31 9.42 5.41
C CYS A 26 -23.69 8.60 6.62
N ASP A 27 -24.74 7.82 6.49
CA ASP A 27 -25.14 6.90 7.53
C ASP A 27 -25.15 5.47 6.99
N LEU A 28 -24.23 4.65 7.46
CA LEU A 28 -24.11 3.28 6.98
C LEU A 28 -24.86 2.30 7.86
N GLN A 29 -25.56 1.35 7.24
CA GLN A 29 -26.32 0.35 7.97
C GLN A 29 -25.39 -0.60 8.72
N ASN A 30 -24.25 -0.92 8.10
CA ASN A 30 -23.32 -1.90 8.66
C ASN A 30 -22.36 -1.25 9.63
N TYR A 31 -22.58 0.02 9.92
CA TYR A 31 -21.76 0.76 10.89
C TYR A 31 -21.74 0.05 12.24
N GLY A 32 -20.54 -0.26 12.71
CA GLY A 32 -20.38 -0.98 13.96
C GLY A 32 -20.08 -2.46 13.80
N ASP A 33 -20.42 -3.01 12.64
CA ASP A 33 -20.11 -4.41 12.34
C ASP A 33 -18.63 -4.56 12.03
N SER A 34 -18.12 -5.79 12.16
CA SER A 34 -16.72 -6.07 11.83
C SER A 34 -16.58 -7.40 11.10
N ALA A 35 -15.76 -7.42 10.06
CA ALA A 35 -15.47 -8.65 9.35
C ALA A 35 -14.54 -9.49 10.20
N THR A 36 -14.62 -10.80 10.09
CA THR A 36 -13.73 -11.65 10.86
C THR A 36 -12.49 -11.95 10.04
N LEU A 37 -11.37 -11.39 10.46
CA LEU A 37 -10.12 -11.54 9.75
C LEU A 37 -9.46 -12.84 10.13
N PRO A 38 -8.63 -13.39 9.23
CA PRO A 38 -7.85 -14.58 9.55
C PRO A 38 -7.05 -14.37 10.82
N LYS A 39 -6.71 -15.45 11.53
CA LYS A 39 -6.01 -15.34 12.80
C LYS A 39 -4.71 -14.56 12.66
N GLY A 40 -4.56 -13.52 13.46
CA GLY A 40 -3.33 -12.77 13.53
C GLY A 40 -3.08 -11.76 12.41
N ILE A 41 -4.11 -11.46 11.62
CA ILE A 41 -3.95 -10.55 10.50
C ILE A 41 -4.48 -9.15 10.83
N MET A 42 -3.64 -8.14 10.61
CA MET A 42 -4.03 -6.76 10.86
C MET A 42 -5.05 -6.28 9.84
N MET A 43 -5.91 -5.36 10.25
CA MET A 43 -6.89 -4.78 9.36
C MET A 43 -6.24 -4.15 8.14
N ASN A 44 -5.11 -3.48 8.33
CA ASN A 44 -4.48 -2.76 7.25
C ASN A 44 -3.78 -3.67 6.26
N VAL A 45 -3.35 -4.84 6.71
CA VAL A 45 -2.78 -5.81 5.79
C VAL A 45 -3.89 -6.37 4.92
N ALA A 46 -5.00 -6.72 5.58
CA ALA A 46 -6.18 -7.21 4.88
C ALA A 46 -6.69 -6.16 3.92
N LYS A 47 -6.70 -4.90 4.36
CA LYS A 47 -7.23 -3.82 3.54
C LYS A 47 -6.42 -3.66 2.26
N TYR A 48 -5.11 -3.54 2.39
CA TYR A 48 -4.23 -3.33 1.24
C TYR A 48 -4.26 -4.50 0.28
N THR A 49 -4.42 -5.71 0.81
CA THR A 49 -4.48 -6.91 0.00
C THR A 49 -5.67 -6.85 -0.95
N GLN A 50 -6.84 -6.55 -0.41
CA GLN A 50 -8.04 -6.47 -1.21
C GLN A 50 -7.94 -5.35 -2.24
N LEU A 51 -7.27 -4.26 -1.88
CA LEU A 51 -7.06 -3.17 -2.82
C LEU A 51 -6.24 -3.64 -4.01
N CYS A 52 -5.17 -4.38 -3.74
CA CYS A 52 -4.34 -4.92 -4.79
C CYS A 52 -5.07 -6.00 -5.58
N GLN A 53 -5.90 -6.76 -4.88
CA GLN A 53 -6.68 -7.80 -5.53
C GLN A 53 -7.63 -7.18 -6.54
N TYR A 54 -8.12 -6.00 -6.22
CA TYR A 54 -9.00 -5.29 -7.14
C TYR A 54 -8.21 -4.67 -8.28
N LEU A 55 -7.08 -4.07 -7.95
CA LEU A 55 -6.23 -3.43 -8.95
C LEU A 55 -5.79 -4.44 -10.01
N ASN A 56 -5.70 -5.70 -9.61
CA ASN A 56 -5.32 -6.75 -10.55
C ASN A 56 -6.33 -6.91 -11.68
N THR A 57 -7.53 -6.37 -11.48
CA THR A 57 -8.59 -6.52 -12.48
C THR A 57 -8.66 -5.36 -13.44
N LEU A 58 -7.81 -4.36 -13.23
CA LEU A 58 -7.83 -3.19 -14.10
C LEU A 58 -6.69 -3.28 -15.09
N THR A 59 -6.60 -2.31 -15.98
CA THR A 59 -5.52 -2.32 -16.95
C THR A 59 -4.44 -1.37 -16.49
N LEU A 60 -3.37 -1.94 -15.95
CA LEU A 60 -2.31 -1.15 -15.38
C LEU A 60 -1.06 -1.37 -16.18
N ALA A 61 -0.42 -0.28 -16.56
CA ALA A 61 0.87 -0.39 -17.17
C ALA A 61 1.84 -0.94 -16.13
N VAL A 62 2.52 -2.03 -16.46
CA VAL A 62 3.49 -2.62 -15.55
C VAL A 62 4.82 -2.80 -16.27
N PRO A 63 5.59 -1.72 -16.39
CA PRO A 63 6.87 -1.72 -17.08
C PRO A 63 7.96 -2.40 -16.29
N TYR A 64 9.06 -2.73 -16.95
CA TYR A 64 10.26 -3.15 -16.23
C TYR A 64 10.79 -1.99 -15.43
N ASN A 65 11.39 -2.27 -14.28
CA ASN A 65 11.87 -1.24 -13.37
C ASN A 65 10.78 -0.24 -13.07
N MET A 66 9.65 -0.76 -12.63
CA MET A 66 8.48 0.06 -12.33
C MET A 66 8.74 0.97 -11.14
N ARG A 67 8.13 2.15 -11.17
CA ARG A 67 8.31 3.14 -10.11
C ARG A 67 6.99 3.36 -9.36
N VAL A 68 6.99 3.04 -8.08
CA VAL A 68 5.80 3.17 -7.26
C VAL A 68 6.08 3.97 -5.99
N ILE A 69 5.24 4.96 -5.71
CA ILE A 69 5.42 5.76 -4.50
C ILE A 69 4.20 5.66 -3.58
N HIS A 70 4.45 5.60 -2.28
CA HIS A 70 3.40 5.34 -1.29
C HIS A 70 3.35 6.40 -0.19
N PHE A 71 2.28 7.18 -0.15
CA PHE A 71 2.13 8.23 0.84
C PHE A 71 1.24 7.78 1.99
N GLY A 72 1.56 8.22 3.21
CA GLY A 72 0.80 7.81 4.38
C GLY A 72 1.08 6.36 4.72
N ALA A 73 2.35 5.98 4.63
CA ALA A 73 2.76 4.59 4.78
C ALA A 73 2.94 4.12 6.22
N GLY A 74 3.14 5.04 7.14
CA GLY A 74 3.43 4.67 8.51
C GLY A 74 2.19 4.46 9.38
N SER A 75 2.28 3.55 10.34
CA SER A 75 1.20 3.33 11.28
C SER A 75 1.54 3.90 12.65
N ASP A 76 0.60 3.78 13.58
CA ASP A 76 0.83 4.19 14.96
C ASP A 76 1.59 3.10 15.69
N LYS A 77 1.79 1.98 15.00
CA LYS A 77 2.55 0.86 15.55
C LYS A 77 4.01 1.00 15.16
N GLY A 78 4.32 2.00 14.35
CA GLY A 78 5.68 2.27 13.97
C GLY A 78 6.19 1.43 12.81
N VAL A 79 5.29 0.65 12.22
CA VAL A 79 5.66 -0.16 11.06
C VAL A 79 4.82 0.24 9.85
N ALA A 80 5.09 -0.39 8.71
CA ALA A 80 4.35 -0.06 7.49
C ALA A 80 3.73 -1.29 6.87
N PRO A 81 2.54 -1.68 7.35
CA PRO A 81 1.84 -2.87 6.87
C PRO A 81 1.50 -2.77 5.39
N GLY A 82 0.96 -1.63 4.98
CA GLY A 82 0.59 -1.43 3.59
C GLY A 82 1.74 -1.55 2.63
N THR A 83 2.89 -1.02 3.02
CA THR A 83 4.08 -1.11 2.18
C THR A 83 4.46 -2.56 1.96
N ALA A 84 4.36 -3.36 3.01
CA ALA A 84 4.70 -4.78 2.93
C ALA A 84 3.83 -5.50 1.90
N VAL A 85 2.56 -5.15 1.85
CA VAL A 85 1.66 -5.77 0.88
C VAL A 85 2.03 -5.33 -0.54
N LEU A 86 2.19 -4.02 -0.73
CA LEU A 86 2.61 -3.48 -2.00
C LEU A 86 3.90 -4.15 -2.48
N ARG A 87 4.82 -4.32 -1.54
CA ARG A 87 6.09 -4.98 -1.81
C ARG A 87 5.87 -6.40 -2.32
N GLN A 88 4.98 -7.11 -1.65
CA GLN A 88 4.63 -8.47 -2.02
C GLN A 88 3.91 -8.51 -3.37
N TRP A 89 3.06 -7.52 -3.58
CA TRP A 89 2.20 -7.47 -4.76
C TRP A 89 2.96 -7.08 -6.02
N LEU A 90 3.84 -6.10 -5.89
CA LEU A 90 4.59 -5.60 -7.03
C LEU A 90 5.67 -6.57 -7.46
N PRO A 91 5.95 -6.60 -8.76
CA PRO A 91 7.01 -7.43 -9.34
C PRO A 91 8.34 -7.19 -8.64
N THR A 92 9.10 -8.25 -8.40
CA THR A 92 10.43 -8.11 -7.83
C THR A 92 11.27 -7.21 -8.71
N GLY A 93 11.97 -6.27 -8.09
CA GLY A 93 12.78 -5.33 -8.82
C GLY A 93 12.09 -3.99 -8.99
N THR A 94 10.84 -3.91 -8.55
CA THR A 94 10.10 -2.66 -8.61
C THR A 94 10.64 -1.70 -7.56
N LEU A 95 10.89 -0.46 -7.96
CA LEU A 95 11.36 0.53 -7.00
C LEU A 95 10.18 1.05 -6.21
N LEU A 96 10.23 0.87 -4.89
CA LEU A 96 9.15 1.29 -4.03
C LEU A 96 9.62 2.32 -3.03
N VAL A 97 9.12 3.54 -3.16
CA VAL A 97 9.41 4.60 -2.20
C VAL A 97 8.18 4.91 -1.37
N ASP A 98 8.34 5.03 -0.06
CA ASP A 98 7.20 5.39 0.77
C ASP A 98 7.50 6.55 1.72
N SER A 99 6.44 7.16 2.26
CA SER A 99 6.61 8.33 3.10
C SER A 99 5.49 8.46 4.13
N ASP A 100 5.78 9.17 5.21
CA ASP A 100 4.78 9.50 6.20
C ASP A 100 5.22 10.70 7.02
N LEU A 101 4.28 11.33 7.71
CA LEU A 101 4.58 12.46 8.56
C LEU A 101 5.41 12.04 9.76
N ASN A 102 5.21 10.82 10.21
CA ASN A 102 5.85 10.31 11.42
C ASN A 102 6.83 9.20 11.12
N ASP A 103 7.77 9.01 12.03
CA ASP A 103 8.82 8.01 11.84
C ASP A 103 8.24 6.60 11.89
N PHE A 104 8.75 5.74 11.01
CA PHE A 104 8.31 4.34 10.96
C PHE A 104 9.35 3.47 10.27
N VAL A 105 9.24 2.16 10.44
CA VAL A 105 10.16 1.21 9.81
C VAL A 105 9.52 0.56 8.59
N SER A 106 10.21 0.58 7.46
CA SER A 106 9.60 0.14 6.22
C SER A 106 10.41 -0.88 5.45
N ASP A 107 9.75 -1.66 4.61
CA ASP A 107 10.42 -2.59 3.73
C ASP A 107 10.66 -1.96 2.36
N ALA A 108 10.29 -0.69 2.23
CA ALA A 108 10.45 0.01 0.96
C ALA A 108 11.93 0.23 0.63
N ASP A 109 12.21 0.47 -0.65
CA ASP A 109 13.57 0.70 -1.10
C ASP A 109 14.12 1.98 -0.50
N SER A 110 13.26 2.98 -0.32
CA SER A 110 13.66 4.21 0.33
C SER A 110 12.46 4.84 1.02
N THR A 111 12.72 5.52 2.14
CA THR A 111 11.66 6.09 2.96
C THR A 111 11.96 7.55 3.32
N LEU A 112 10.95 8.40 3.18
CA LEU A 112 11.09 9.81 3.52
C LEU A 112 10.15 10.18 4.65
N ILE A 113 10.69 10.83 5.69
CA ILE A 113 9.88 11.22 6.84
C ILE A 113 9.60 12.72 6.85
N GLY A 114 8.32 13.09 6.90
CA GLY A 114 7.94 14.48 6.99
C GLY A 114 6.61 14.71 6.31
N ASP A 115 6.15 15.96 6.37
CA ASP A 115 4.94 16.34 5.65
C ASP A 115 5.15 16.11 4.17
N CYS A 116 4.16 15.52 3.51
CA CYS A 116 4.28 15.16 2.11
C CYS A 116 4.62 16.35 1.22
N ALA A 117 4.27 17.55 1.66
CA ALA A 117 4.54 18.74 0.88
C ALA A 117 6.03 19.02 0.78
N THR A 118 6.81 18.43 1.68
CA THR A 118 8.25 18.61 1.67
C THR A 118 8.95 17.65 0.72
N VAL A 119 8.18 16.76 0.11
CA VAL A 119 8.76 15.72 -0.75
C VAL A 119 8.90 16.18 -2.18
N HIS A 120 10.10 16.01 -2.73
CA HIS A 120 10.35 16.32 -4.13
C HIS A 120 11.06 15.18 -4.81
N THR A 121 10.72 14.95 -6.07
CA THR A 121 11.40 13.94 -6.87
C THR A 121 11.71 14.51 -8.24
N ALA A 122 12.81 14.06 -8.82
CA ALA A 122 13.19 14.51 -10.15
C ALA A 122 12.36 13.81 -11.22
N ASN A 123 12.24 12.49 -11.08
CA ASN A 123 11.61 11.66 -12.08
C ASN A 123 10.10 11.53 -11.93
N LYS A 124 9.47 10.80 -12.85
CA LYS A 124 8.05 10.57 -12.76
C LYS A 124 7.75 9.16 -12.26
N TRP A 125 6.49 8.85 -12.04
CA TRP A 125 6.13 7.60 -11.38
C TRP A 125 5.02 6.85 -12.12
N ASP A 126 5.10 5.53 -12.07
CA ASP A 126 4.11 4.68 -12.72
C ASP A 126 2.85 4.48 -11.88
N LEU A 127 3.01 4.38 -10.57
CA LEU A 127 1.87 4.13 -9.68
C LEU A 127 1.96 4.92 -8.38
N ILE A 128 0.88 5.59 -8.03
CA ILE A 128 0.84 6.39 -6.81
C ILE A 128 -0.23 5.91 -5.83
N ILE A 129 0.17 5.65 -4.59
CA ILE A 129 -0.73 5.17 -3.56
C ILE A 129 -0.70 6.11 -2.35
N SER A 130 -1.87 6.47 -1.83
CA SER A 130 -1.96 7.35 -0.66
C SER A 130 -2.99 6.87 0.37
N ASP A 131 -2.52 6.54 1.57
CA ASP A 131 -3.41 6.28 2.70
C ASP A 131 -3.52 7.46 3.67
N MET A 132 -2.93 8.60 3.32
CA MET A 132 -2.89 9.75 4.23
C MET A 132 -4.27 10.16 4.75
N TYR A 133 -4.35 10.32 6.06
CA TYR A 133 -5.58 10.75 6.71
C TYR A 133 -5.25 11.69 7.85
N ASP A 134 -5.92 12.83 7.91
CA ASP A 134 -5.70 13.81 8.97
C ASP A 134 -6.54 13.42 10.18
N PRO A 135 -5.88 13.19 11.32
CA PRO A 135 -6.59 12.80 12.54
C PRO A 135 -7.60 13.85 13.00
N LYS A 136 -7.37 15.10 12.61
CA LYS A 136 -8.29 16.18 12.94
C LYS A 136 -9.58 16.12 12.11
N THR A 137 -9.61 15.26 11.11
CA THR A 137 -10.78 15.11 10.25
C THR A 137 -11.97 14.59 11.04
N LYS A 138 -11.67 13.86 12.11
CA LYS A 138 -12.69 13.28 12.97
C LYS A 138 -13.59 14.34 13.60
N ASN A 139 -13.14 15.59 13.56
CA ASN A 139 -13.93 16.70 14.08
C ASN A 139 -15.03 17.10 13.10
N VAL A 140 -16.26 17.00 13.56
CA VAL A 140 -17.44 17.17 12.71
C VAL A 140 -17.92 18.62 12.75
N THR A 141 -17.09 19.48 13.34
CA THR A 141 -17.47 20.87 13.66
C THR A 141 -18.23 21.58 12.55
N LYS A 142 -17.55 21.88 11.44
CA LYS A 142 -18.19 22.58 10.33
C LYS A 142 -18.99 21.61 9.46
N GLU A 143 -19.50 22.12 8.34
CA GLU A 143 -20.11 21.25 7.36
C GLU A 143 -19.02 20.54 6.58
N ASN A 144 -19.41 19.72 5.61
CA ASN A 144 -18.41 18.98 4.88
C ASN A 144 -18.01 19.71 3.61
N ASP A 145 -16.80 20.24 3.62
CA ASP A 145 -16.30 20.99 2.49
C ASP A 145 -15.07 20.31 1.94
N SER A 146 -14.74 20.62 0.69
CA SER A 146 -13.54 20.09 0.07
C SER A 146 -12.35 20.39 0.97
N LYS A 147 -11.46 19.41 1.11
CA LYS A 147 -10.34 19.53 2.02
C LYS A 147 -9.04 19.82 1.28
N GLU A 148 -8.15 20.51 1.96
CA GLU A 148 -6.86 20.90 1.43
C GLU A 148 -5.82 20.37 2.40
N GLY A 149 -4.58 20.82 2.28
CA GLY A 149 -3.51 20.13 2.95
C GLY A 149 -3.06 19.07 1.98
N PHE A 150 -2.72 17.88 2.47
CA PHE A 150 -2.08 16.88 1.62
C PHE A 150 -2.84 16.64 0.31
N PHE A 151 -4.14 16.88 0.31
CA PHE A 151 -4.94 16.74 -0.90
C PHE A 151 -4.50 17.72 -1.98
N THR A 152 -4.08 18.90 -1.56
CA THR A 152 -3.60 19.89 -2.51
C THR A 152 -2.27 19.44 -3.10
N TYR A 153 -1.43 18.82 -2.26
CA TYR A 153 -0.15 18.30 -2.70
C TYR A 153 -0.31 17.17 -3.70
N ILE A 154 -1.26 16.28 -3.43
CA ILE A 154 -1.49 15.12 -4.26
C ILE A 154 -1.92 15.51 -5.67
N CYS A 155 -2.87 16.44 -5.77
CA CYS A 155 -3.32 16.91 -7.08
C CYS A 155 -2.17 17.45 -7.90
N GLY A 156 -1.33 18.26 -7.26
CA GLY A 156 -0.17 18.81 -7.92
C GLY A 156 0.82 17.73 -8.29
N PHE A 157 1.03 16.78 -7.39
CA PHE A 157 1.99 15.73 -7.62
C PHE A 157 1.55 14.87 -8.80
N ILE A 158 0.25 14.64 -8.90
CA ILE A 158 -0.28 13.84 -10.00
C ILE A 158 -0.02 14.51 -11.33
N GLN A 159 -0.37 15.78 -11.42
CA GLN A 159 -0.24 16.50 -12.69
C GLN A 159 1.21 16.63 -13.13
N GLN A 160 2.09 16.95 -12.19
CA GLN A 160 3.51 17.09 -12.49
C GLN A 160 4.28 15.76 -12.57
N LYS A 161 4.11 14.91 -11.56
CA LYS A 161 4.97 13.74 -11.40
C LYS A 161 4.42 12.38 -11.86
N LEU A 162 3.20 12.34 -12.38
CA LEU A 162 2.67 11.07 -12.83
C LEU A 162 2.88 10.87 -14.32
N ALA A 163 3.44 9.72 -14.67
CA ALA A 163 3.66 9.35 -16.06
C ALA A 163 2.34 9.10 -16.76
N LEU A 164 2.30 9.39 -18.06
CA LEU A 164 1.13 9.08 -18.85
C LEU A 164 0.97 7.57 -18.93
N GLY A 165 -0.22 7.10 -18.59
CA GLY A 165 -0.46 5.67 -18.51
C GLY A 165 -0.41 5.21 -17.08
N GLY A 166 0.10 6.06 -16.21
CA GLY A 166 0.18 5.75 -14.80
C GLY A 166 -1.18 5.69 -14.14
N SER A 167 -1.23 5.17 -12.93
CA SER A 167 -2.49 5.04 -12.21
C SER A 167 -2.31 5.45 -10.75
N VAL A 168 -3.40 5.87 -10.13
CA VAL A 168 -3.38 6.28 -8.73
C VAL A 168 -4.49 5.61 -7.91
N ALA A 169 -4.24 5.46 -6.62
CA ALA A 169 -5.28 5.07 -5.67
C ALA A 169 -5.18 5.94 -4.43
N ILE A 170 -6.20 6.75 -4.19
CA ILE A 170 -6.11 7.73 -3.10
C ILE A 170 -7.22 7.51 -2.10
N LYS A 171 -6.86 7.37 -0.82
CA LYS A 171 -7.84 7.04 0.20
C LYS A 171 -8.64 8.27 0.59
N ILE A 172 -9.95 8.11 0.60
CA ILE A 172 -10.84 9.18 1.03
C ILE A 172 -11.87 8.62 2.01
N THR A 173 -12.60 9.51 2.66
CA THR A 173 -13.69 9.13 3.53
C THR A 173 -14.83 10.09 3.29
N GLU A 174 -15.86 10.03 4.12
CA GLU A 174 -16.93 11.02 4.05
C GLU A 174 -16.35 12.41 4.20
N HIS A 175 -15.63 12.64 5.29
CA HIS A 175 -15.10 13.96 5.57
C HIS A 175 -13.69 14.22 5.05
N SER A 176 -12.98 13.17 4.64
CA SER A 176 -11.67 13.41 4.06
C SER A 176 -11.75 13.20 2.56
N TRP A 177 -11.82 14.30 1.83
CA TRP A 177 -12.01 14.27 0.39
C TRP A 177 -11.63 15.62 -0.22
N ASN A 178 -11.41 15.65 -1.51
CA ASN A 178 -11.10 16.90 -2.19
C ASN A 178 -11.79 17.00 -3.53
N ALA A 179 -12.25 18.18 -3.87
CA ALA A 179 -13.01 18.38 -5.11
C ALA A 179 -12.16 18.29 -6.36
N ASP A 180 -10.95 18.85 -6.31
CA ASP A 180 -10.09 18.84 -7.49
C ASP A 180 -9.61 17.44 -7.83
N LEU A 181 -9.47 16.60 -6.82
CA LEU A 181 -9.03 15.24 -7.02
C LEU A 181 -10.08 14.45 -7.79
N TYR A 182 -11.34 14.73 -7.49
CA TYR A 182 -12.43 14.16 -8.27
C TYR A 182 -12.36 14.69 -9.69
N LYS A 183 -12.23 16.01 -9.82
CA LYS A 183 -12.11 16.66 -11.13
C LYS A 183 -10.95 16.07 -11.91
N LEU A 184 -9.91 15.70 -11.19
CA LEU A 184 -8.71 15.16 -11.78
C LEU A 184 -8.91 13.73 -12.25
N MET A 185 -9.97 13.09 -11.77
CA MET A 185 -10.26 11.72 -12.19
C MET A 185 -10.69 11.67 -13.64
N GLY A 186 -11.20 12.79 -14.15
CA GLY A 186 -11.62 12.87 -15.53
C GLY A 186 -10.44 13.00 -16.48
N HIS A 187 -9.24 13.07 -15.93
CA HIS A 187 -8.03 13.12 -16.72
C HIS A 187 -7.46 11.73 -16.91
N PHE A 188 -8.22 10.74 -16.46
CA PHE A 188 -7.83 9.35 -16.60
C PHE A 188 -8.73 8.62 -17.60
N ALA A 189 -8.20 7.57 -18.22
CA ALA A 189 -8.97 6.74 -19.13
C ALA A 189 -10.24 6.23 -18.47
N TRP A 190 -10.14 5.92 -17.18
CA TRP A 190 -11.25 5.38 -16.41
C TRP A 190 -11.01 5.67 -14.94
N TRP A 191 -12.07 5.67 -14.15
CA TRP A 191 -11.94 5.92 -12.72
C TRP A 191 -13.08 5.28 -11.94
N THR A 192 -12.83 5.03 -10.66
CA THR A 192 -13.88 4.52 -9.77
C THR A 192 -13.56 4.82 -8.32
N ALA A 193 -14.55 4.65 -7.46
CA ALA A 193 -14.32 4.62 -6.02
C ALA A 193 -14.47 3.21 -5.52
N PHE A 194 -13.41 2.65 -4.95
CA PHE A 194 -13.41 1.25 -4.53
C PHE A 194 -13.48 1.10 -3.02
N VAL A 195 -14.38 0.25 -2.54
CA VAL A 195 -14.54 0.00 -1.12
C VAL A 195 -14.16 -1.44 -0.79
N THR A 196 -13.18 -1.63 0.08
CA THR A 196 -12.76 -2.97 0.46
C THR A 196 -13.83 -3.69 1.28
N ASN A 197 -13.96 -4.99 1.07
CA ASN A 197 -14.98 -5.76 1.77
C ASN A 197 -14.72 -5.88 3.26
N VAL A 198 -13.46 -5.79 3.68
CA VAL A 198 -13.14 -5.88 5.10
C VAL A 198 -13.50 -4.62 5.86
N ASN A 199 -13.31 -3.47 5.21
CA ASN A 199 -13.62 -2.18 5.80
C ASN A 199 -14.97 -1.60 5.40
N ALA A 200 -15.80 -2.41 4.76
CA ALA A 200 -17.06 -1.96 4.15
C ALA A 200 -17.99 -1.19 5.09
N SER A 201 -17.76 -1.29 6.40
CA SER A 201 -18.58 -0.60 7.37
C SER A 201 -18.14 0.85 7.56
N SER A 202 -17.16 1.27 6.77
CA SER A 202 -16.62 2.61 6.86
C SER A 202 -16.90 3.41 5.60
N SER A 203 -16.88 4.73 5.72
CA SER A 203 -17.09 5.59 4.56
C SER A 203 -15.84 5.61 3.69
N GLU A 204 -14.77 4.98 4.18
CA GLU A 204 -13.52 4.88 3.44
C GLU A 204 -13.68 4.28 2.05
N ALA A 205 -13.00 4.87 1.08
CA ALA A 205 -12.89 4.30 -0.26
C ALA A 205 -11.58 4.73 -0.87
N PHE A 206 -11.18 4.08 -1.95
CA PHE A 206 -9.99 4.51 -2.67
C PHE A 206 -10.38 5.07 -4.02
N LEU A 207 -10.01 6.31 -4.29
CA LEU A 207 -10.26 6.87 -5.60
C LEU A 207 -9.21 6.35 -6.56
N ILE A 208 -9.64 5.62 -7.57
CA ILE A 208 -8.71 4.97 -8.46
C ILE A 208 -8.78 5.58 -9.85
N GLY A 209 -7.76 6.34 -10.20
CA GLY A 209 -7.61 6.78 -11.58
C GLY A 209 -6.86 5.72 -12.34
N CYS A 210 -7.26 5.46 -13.58
CA CYS A 210 -6.63 4.41 -14.34
C CYS A 210 -6.09 4.94 -15.66
N ASN A 211 -4.79 4.75 -15.89
CA ASN A 211 -4.16 5.16 -17.15
C ASN A 211 -4.25 6.67 -17.41
N TYR A 212 -3.46 7.44 -16.68
CA TYR A 212 -3.42 8.90 -16.77
C TYR A 212 -3.19 9.41 -18.18
N LEU A 213 -4.11 10.26 -18.65
CA LEU A 213 -4.01 10.84 -19.99
C LEU A 213 -3.47 12.26 -20.03
N GLY A 214 -3.28 12.87 -18.86
CA GLY A 214 -2.72 14.20 -18.80
C GLY A 214 -3.62 15.35 -19.24
N LYS A 215 -4.79 15.01 -19.78
CA LYS A 215 -5.76 16.02 -20.19
C LYS A 215 -7.16 15.48 -19.95
N PRO A 216 -8.15 16.35 -19.70
CA PRO A 216 -9.46 15.80 -19.39
C PRO A 216 -10.13 15.12 -20.58
N ARG A 217 -10.57 13.88 -20.42
CA ARG A 217 -11.47 13.28 -21.39
C ARG A 217 -12.90 13.46 -20.92
N GLU A 218 -13.04 13.86 -19.66
CA GLU A 218 -14.34 13.94 -19.01
C GLU A 218 -14.36 15.09 -18.02
N GLN A 219 -15.43 15.87 -18.02
CA GLN A 219 -15.52 16.98 -17.11
C GLN A 219 -16.29 16.56 -15.87
N ILE A 220 -15.70 16.79 -14.69
CA ILE A 220 -16.29 16.33 -13.45
C ILE A 220 -16.34 17.42 -12.40
N ASP A 221 -17.51 17.57 -11.78
CA ASP A 221 -17.66 18.46 -10.64
C ASP A 221 -17.36 17.66 -9.39
N GLY A 222 -16.37 18.11 -8.63
CA GLY A 222 -15.93 17.40 -7.45
C GLY A 222 -16.96 17.34 -6.35
N TYR A 223 -17.72 18.41 -6.19
CA TYR A 223 -18.72 18.43 -5.12
C TYR A 223 -19.91 17.54 -5.47
N VAL A 224 -20.31 17.59 -6.73
CA VAL A 224 -21.40 16.74 -7.20
C VAL A 224 -21.02 15.28 -7.08
N MET A 225 -19.84 14.92 -7.58
CA MET A 225 -19.41 13.54 -7.60
C MET A 225 -19.23 12.95 -6.20
N HIS A 226 -18.77 13.75 -5.24
CA HIS A 226 -18.62 13.23 -3.88
C HIS A 226 -19.99 12.99 -3.27
N ALA A 227 -20.93 13.86 -3.60
CA ALA A 227 -22.30 13.68 -3.17
C ALA A 227 -22.87 12.41 -3.78
N ASN A 228 -22.49 12.14 -5.01
CA ASN A 228 -22.87 10.91 -5.68
C ASN A 228 -22.33 9.68 -4.97
N TYR A 229 -21.09 9.79 -4.51
CA TYR A 229 -20.43 8.68 -3.85
C TYR A 229 -21.10 8.37 -2.52
N ILE A 230 -21.43 9.42 -1.76
CA ILE A 230 -22.07 9.26 -0.49
C ILE A 230 -23.45 8.64 -0.67
N PHE A 231 -24.16 9.11 -1.69
CA PHE A 231 -25.46 8.58 -2.02
C PHE A 231 -25.37 7.10 -2.34
N TRP A 232 -24.35 6.70 -3.09
CA TRP A 232 -24.15 5.29 -3.38
C TRP A 232 -23.91 4.50 -2.10
N ARG A 233 -23.08 5.04 -1.23
CA ARG A 233 -22.75 4.36 0.02
C ARG A 233 -23.96 4.27 0.93
N ASN A 234 -24.79 5.31 0.92
CA ASN A 234 -25.98 5.35 1.75
C ASN A 234 -27.04 4.36 1.32
N THR A 235 -27.21 4.19 0.01
CA THR A 235 -28.29 3.36 -0.49
C THR A 235 -27.86 1.94 -0.82
N ASN A 236 -26.58 1.64 -0.67
CA ASN A 236 -26.08 0.30 -0.99
C ASN A 236 -25.24 -0.32 0.11
N PRO A 237 -25.90 -0.96 1.09
CA PRO A 237 -25.19 -1.62 2.17
C PRO A 237 -24.27 -2.72 1.66
N ILE A 238 -23.01 -2.70 2.09
CA ILE A 238 -22.07 -3.73 1.67
C ILE A 238 -21.82 -4.69 2.81
N GLN A 239 -21.95 -5.98 2.51
CA GLN A 239 -21.75 -7.01 3.51
C GLN A 239 -20.26 -7.21 3.74
N LEU A 240 -19.85 -7.08 4.98
CA LEU A 240 -18.46 -7.29 5.36
C LEU A 240 -18.00 -8.70 5.01
N SER A 241 -16.91 -8.81 4.27
CA SER A 241 -16.42 -10.09 3.83
C SER A 241 -14.89 -10.13 3.89
N SER A 242 -14.35 -11.14 4.56
CA SER A 242 -12.92 -11.40 4.51
C SER A 242 -12.59 -12.53 3.54
N TYR A 243 -13.59 -12.98 2.80
CA TYR A 243 -13.47 -14.16 1.94
C TYR A 243 -12.27 -14.17 1.01
N SER A 244 -12.04 -13.07 0.29
CA SER A 244 -11.04 -13.06 -0.76
C SER A 244 -9.61 -13.13 -0.23
N LEU A 245 -9.45 -12.92 1.08
CA LEU A 245 -8.15 -12.99 1.71
C LEU A 245 -7.59 -14.40 1.71
N PHE A 246 -8.48 -15.39 1.59
CA PHE A 246 -8.09 -16.77 1.73
C PHE A 246 -7.54 -17.38 0.45
N ASP A 247 -7.76 -16.74 -0.69
CA ASP A 247 -7.12 -17.22 -1.91
C ASP A 247 -6.12 -16.19 -2.40
N MET A 248 -4.85 -16.47 -2.15
CA MET A 248 -3.76 -15.60 -2.56
C MET A 248 -3.03 -16.11 -3.79
N SER A 249 -3.53 -17.22 -4.34
CA SER A 249 -2.87 -17.90 -5.45
C SER A 249 -2.55 -17.00 -6.63
N LYS A 250 -3.50 -16.18 -7.05
CA LYS A 250 -3.31 -15.31 -8.20
C LYS A 250 -2.92 -13.87 -7.82
N PHE A 251 -2.67 -13.64 -6.54
CA PHE A 251 -2.40 -12.29 -6.02
C PHE A 251 -1.28 -11.46 -6.70
N PRO A 252 -0.11 -12.06 -7.00
CA PRO A 252 0.97 -11.22 -7.53
C PRO A 252 0.61 -10.46 -8.79
N LEU A 253 1.09 -9.23 -8.90
CA LEU A 253 0.79 -8.41 -10.07
C LEU A 253 1.47 -9.00 -11.29
N LYS A 254 0.69 -9.27 -12.32
CA LYS A 254 1.22 -9.82 -13.57
C LYS A 254 2.12 -8.80 -14.23
N LEU A 255 3.30 -9.24 -14.66
CA LEU A 255 4.24 -8.30 -15.24
C LEU A 255 4.02 -8.22 -16.75
N ARG A 256 3.50 -7.08 -17.19
CA ARG A 256 3.15 -6.90 -18.60
C ARG A 256 4.35 -6.47 -19.41
N GLY A 257 5.37 -5.99 -18.73
CA GLY A 257 6.55 -5.45 -19.40
C GLY A 257 6.16 -4.29 -20.30
N THR A 258 5.21 -3.47 -19.83
CA THR A 258 4.67 -2.37 -20.61
C THR A 258 5.78 -1.45 -21.11
N ALA A 259 5.64 -1.00 -22.34
CA ALA A 259 6.65 -0.16 -22.98
C ALA A 259 6.75 1.22 -22.36
N VAL A 260 7.97 1.70 -22.20
CA VAL A 260 8.21 3.05 -21.69
C VAL A 260 8.87 3.89 -22.77
N MET A 261 8.33 5.08 -23.01
CA MET A 261 8.77 5.89 -24.12
C MET A 261 8.77 7.38 -23.76
N SER A 262 9.82 8.09 -24.15
CA SER A 262 9.93 9.50 -23.81
C SER A 262 9.52 10.38 -24.97
N LEU A 263 8.38 11.04 -24.83
CA LEU A 263 7.85 11.89 -25.91
C LEU A 263 7.56 13.30 -25.41
N LYS A 264 7.72 14.28 -26.29
CA LYS A 264 7.26 15.63 -26.00
C LYS A 264 5.75 15.66 -26.09
N GLU A 265 5.12 16.63 -25.44
CA GLU A 265 3.66 16.66 -25.38
C GLU A 265 3.01 16.93 -26.74
N GLY A 266 3.80 17.39 -27.69
CA GLY A 266 3.30 17.63 -29.03
C GLY A 266 3.28 16.38 -29.88
N GLN A 267 4.08 15.39 -29.48
CA GLN A 267 4.21 14.16 -30.25
C GLN A 267 3.09 13.18 -29.91
N ILE A 268 2.24 13.57 -28.98
CA ILE A 268 1.17 12.69 -28.48
C ILE A 268 -0.10 12.81 -29.31
N ASN A 269 -0.55 11.68 -29.85
CA ASN A 269 -1.66 11.65 -30.78
C ASN A 269 -2.70 10.62 -30.39
N ASP A 270 -3.84 10.66 -31.08
CA ASP A 270 -4.94 9.75 -30.79
C ASP A 270 -4.53 8.28 -30.84
N MET A 271 -3.51 7.98 -31.63
CA MET A 271 -3.00 6.62 -31.69
C MET A 271 -2.24 6.30 -30.40
N ILE A 272 -1.46 7.27 -29.93
CA ILE A 272 -0.74 7.13 -28.67
C ILE A 272 -1.72 7.07 -27.51
N LEU A 273 -2.63 8.05 -27.48
CA LEU A 273 -3.67 8.11 -26.45
C LEU A 273 -4.43 6.79 -26.37
N SER A 274 -4.64 6.16 -27.51
CA SER A 274 -5.30 4.87 -27.56
C SER A 274 -4.50 3.85 -26.77
N LEU A 275 -3.19 3.80 -27.01
CA LEU A 275 -2.30 2.87 -26.35
C LEU A 275 -2.25 3.11 -24.86
N LEU A 276 -2.21 4.39 -24.47
CA LEU A 276 -2.22 4.76 -23.07
C LEU A 276 -3.45 4.23 -22.38
N SER A 277 -4.61 4.49 -22.98
CA SER A 277 -5.89 4.14 -22.39
C SER A 277 -6.05 2.65 -22.18
N LYS A 278 -5.32 1.86 -22.96
CA LYS A 278 -5.40 0.41 -22.84
C LYS A 278 -4.33 -0.12 -21.91
N GLY A 279 -3.53 0.78 -21.34
CA GLY A 279 -2.48 0.39 -20.42
C GLY A 279 -1.38 -0.36 -21.12
N ARG A 280 -1.19 -0.04 -22.39
CA ARG A 280 -0.12 -0.65 -23.18
C ARG A 280 1.11 0.25 -23.27
N LEU A 281 1.04 1.45 -22.70
CA LEU A 281 2.14 2.40 -22.84
C LEU A 281 2.39 3.28 -21.61
N ILE A 282 3.67 3.51 -21.30
CA ILE A 282 4.08 4.49 -20.30
C ILE A 282 4.93 5.57 -20.95
N ILE A 283 4.62 6.84 -20.70
CA ILE A 283 5.42 7.91 -21.23
C ILE A 283 6.12 8.69 -20.14
N ARG A 284 7.43 8.53 -20.07
CA ARG A 284 8.26 9.27 -19.13
C ARG A 284 9.73 9.08 -19.47
N GLU A 285 10.60 9.74 -18.71
CA GLU A 285 12.03 9.57 -18.86
C GLU A 285 12.46 8.30 -18.12
N ASN A 286 13.49 7.65 -18.63
CA ASN A 286 13.97 6.42 -18.03
C ASN A 286 15.11 6.59 -17.04
N ASN A 287 15.42 7.83 -16.68
CA ASN A 287 16.61 8.10 -15.90
C ASN A 287 16.56 7.52 -14.50
N ARG A 288 17.61 7.73 -13.73
CA ARG A 288 17.69 7.20 -12.38
C ARG A 288 16.70 7.90 -11.48
N VAL A 289 16.33 7.26 -10.38
CA VAL A 289 15.33 7.80 -9.47
C VAL A 289 15.97 8.56 -8.32
N VAL A 290 15.67 9.85 -8.25
CA VAL A 290 16.22 10.72 -7.22
C VAL A 290 15.12 11.48 -6.50
N ILE A 291 15.08 11.31 -5.18
CA ILE A 291 14.08 11.93 -4.34
C ILE A 291 14.73 12.75 -3.24
N SER A 292 13.97 13.63 -2.61
CA SER A 292 14.48 14.41 -1.49
C SER A 292 13.34 14.90 -0.61
N SER A 293 13.69 15.25 0.62
CA SER A 293 12.72 15.80 1.57
C SER A 293 13.24 17.10 2.17
N ASP A 294 12.52 18.20 1.93
CA ASP A 294 12.96 19.52 2.39
C ASP A 294 12.95 19.64 3.92
N VAL A 295 14.04 20.15 4.47
CA VAL A 295 14.17 20.30 5.91
C VAL A 295 14.23 21.77 6.31
N LEU A 296 13.41 22.14 7.29
CA LEU A 296 13.35 23.53 7.75
C LEU A 296 14.31 23.77 8.90
N VAL A 297 15.12 24.81 8.78
CA VAL A 297 16.09 25.13 9.82
C VAL A 297 15.67 26.38 10.58
N ASN A 298 15.72 26.30 11.90
CA ASN A 298 15.38 27.43 12.76
C ASN A 298 15.87 27.25 14.18
N ALA B 10 35.76 1.79 23.32
CA ALA B 10 35.68 0.33 23.31
C ALA B 10 34.30 -0.14 23.72
N PHE B 11 33.37 0.80 23.88
CA PHE B 11 32.01 0.47 24.30
C PHE B 11 31.04 0.43 23.13
N ALA B 12 30.25 -0.65 23.07
CA ALA B 12 29.15 -0.75 22.14
C ALA B 12 28.01 -1.49 22.82
N VAL B 13 26.78 -0.98 22.67
CA VAL B 13 25.63 -1.59 23.29
C VAL B 13 25.31 -2.92 22.60
N ASP B 14 25.10 -3.98 23.39
CA ASP B 14 24.69 -5.25 22.81
C ASP B 14 23.20 -5.46 23.03
N ALA B 15 22.42 -5.31 21.96
CA ALA B 15 20.97 -5.40 22.05
C ALA B 15 20.51 -6.85 22.02
N ALA B 16 21.25 -7.68 21.28
CA ALA B 16 20.91 -9.09 21.16
C ALA B 16 20.77 -9.72 22.54
N LYS B 17 21.80 -9.57 23.37
CA LYS B 17 21.76 -10.10 24.73
C LYS B 17 20.66 -9.43 25.55
N ALA B 18 20.52 -8.12 25.36
CA ALA B 18 19.55 -7.34 26.11
C ALA B 18 18.14 -7.89 25.98
N TYR B 19 17.76 -8.23 24.75
CA TYR B 19 16.42 -8.71 24.48
C TYR B 19 16.23 -10.13 25.02
N LYS B 20 17.24 -10.97 24.80
CA LYS B 20 17.20 -12.35 25.25
C LYS B 20 17.00 -12.44 26.74
N ASP B 21 17.69 -11.57 27.48
CA ASP B 21 17.56 -11.55 28.93
C ASP B 21 16.20 -10.97 29.32
N TYR B 22 15.72 -10.00 28.56
CA TYR B 22 14.41 -9.43 28.78
C TYR B 22 13.34 -10.49 28.64
N LEU B 23 13.53 -11.38 27.66
CA LEU B 23 12.62 -12.48 27.44
C LEU B 23 12.68 -13.47 28.58
N ALA B 24 13.90 -13.86 28.93
CA ALA B 24 14.12 -14.81 30.02
C ALA B 24 13.56 -14.29 31.33
N SER B 25 13.40 -12.97 31.43
CA SER B 25 12.86 -12.34 32.63
C SER B 25 11.35 -12.42 32.63
N GLY B 26 10.78 -12.97 31.56
CA GLY B 26 9.34 -13.09 31.44
C GLY B 26 8.70 -11.84 30.85
N GLY B 27 9.46 -11.11 30.05
CA GLY B 27 8.95 -9.90 29.42
C GLY B 27 8.18 -10.20 28.15
N GLN B 28 7.18 -9.38 27.85
CA GLN B 28 6.38 -9.55 26.66
C GLN B 28 7.20 -9.26 25.40
N PRO B 29 7.23 -10.24 24.48
CA PRO B 29 8.01 -10.12 23.24
C PRO B 29 7.56 -8.96 22.38
N ILE B 30 8.40 -8.54 21.45
CA ILE B 30 8.07 -7.45 20.54
C ILE B 30 6.88 -7.81 19.65
N THR B 31 5.93 -6.88 19.55
CA THR B 31 4.69 -7.14 18.85
C THR B 31 4.58 -6.32 17.58
N ASN B 32 3.43 -6.42 16.93
CA ASN B 32 3.12 -5.70 15.70
C ASN B 32 4.09 -5.97 14.58
N CYS B 33 4.69 -7.16 14.58
CA CYS B 33 5.37 -7.64 13.39
C CYS B 33 4.29 -7.85 12.35
N VAL B 34 4.60 -7.56 11.10
CA VAL B 34 3.58 -7.58 10.07
C VAL B 34 3.44 -8.97 9.46
N LYS B 35 2.28 -9.59 9.66
CA LYS B 35 2.06 -10.92 9.10
C LYS B 35 1.34 -10.82 7.76
N MET B 36 1.89 -11.52 6.78
CA MET B 36 1.41 -11.45 5.40
C MET B 36 0.38 -12.51 5.09
N LEU B 37 -0.59 -12.17 4.26
CA LEU B 37 -1.49 -13.15 3.68
C LEU B 37 -0.77 -13.87 2.56
N CYS B 38 -0.75 -15.20 2.62
CA CYS B 38 -0.12 -16.00 1.57
C CYS B 38 -0.82 -17.34 1.44
N THR B 39 -0.34 -18.16 0.51
CA THR B 39 -0.95 -19.46 0.23
C THR B 39 -0.55 -20.52 1.24
N HIS B 40 0.64 -20.33 1.83
CA HIS B 40 1.27 -21.30 2.72
C HIS B 40 1.59 -22.60 1.98
N THR B 41 1.70 -22.51 0.66
CA THR B 41 2.26 -23.58 -0.16
C THR B 41 3.70 -23.33 -0.56
N GLY B 42 4.29 -22.26 -0.04
CA GLY B 42 5.59 -21.79 -0.50
C GLY B 42 6.76 -22.73 -0.22
N THR B 43 7.96 -22.32 -0.64
CA THR B 43 9.14 -23.17 -0.54
C THR B 43 9.62 -23.38 0.88
N GLY B 44 9.25 -22.47 1.78
CA GLY B 44 9.58 -22.63 3.18
C GLY B 44 10.97 -22.17 3.58
N GLN B 45 11.69 -21.52 2.66
CA GLN B 45 13.02 -21.00 2.94
C GLN B 45 12.97 -19.87 3.96
N ALA B 46 14.10 -19.59 4.60
CA ALA B 46 14.13 -18.69 5.75
C ALA B 46 13.86 -17.23 5.39
N ILE B 47 14.62 -16.70 4.43
CA ILE B 47 14.44 -15.30 4.04
C ILE B 47 14.32 -15.19 2.53
N THR B 48 13.22 -14.59 2.08
CA THR B 48 12.90 -14.60 0.67
C THR B 48 12.35 -13.27 0.17
N VAL B 49 12.25 -13.15 -1.15
CA VAL B 49 11.78 -11.92 -1.78
C VAL B 49 10.26 -11.77 -1.71
N THR B 50 9.57 -12.87 -1.50
CA THR B 50 8.11 -12.93 -1.51
C THR B 50 7.73 -13.94 -0.46
N PRO B 51 6.55 -13.80 0.17
CA PRO B 51 6.26 -14.80 1.21
C PRO B 51 6.33 -16.24 0.71
N GLU B 52 7.19 -17.02 1.33
CA GLU B 52 7.37 -18.42 1.02
C GLU B 52 6.83 -19.43 2.02
N ALA B 53 6.09 -18.97 3.01
CA ALA B 53 5.64 -19.86 4.09
C ALA B 53 4.99 -21.13 3.57
N ASN B 54 5.29 -22.26 4.22
CA ASN B 54 4.59 -23.50 3.97
C ASN B 54 3.50 -23.70 5.00
N MET B 55 2.90 -24.89 5.05
CA MET B 55 1.83 -25.16 6.00
C MET B 55 2.24 -24.92 7.44
N ASP B 56 3.51 -25.14 7.73
CA ASP B 56 4.01 -25.05 9.10
C ASP B 56 4.49 -23.66 9.47
N GLN B 57 4.49 -22.74 8.50
CA GLN B 57 5.08 -21.43 8.72
C GLN B 57 4.11 -20.28 8.53
N GLU B 58 4.49 -19.13 9.10
CA GLU B 58 3.84 -17.88 8.83
C GLU B 58 4.86 -16.99 8.14
N SER B 59 4.40 -16.09 7.28
CA SER B 59 5.34 -15.21 6.60
C SER B 59 5.17 -13.78 7.09
N PHE B 60 6.29 -13.13 7.40
CA PHE B 60 6.26 -11.77 7.90
C PHE B 60 7.09 -10.84 7.05
N GLY B 61 6.77 -9.55 7.11
CA GLY B 61 7.60 -8.53 6.50
C GLY B 61 8.90 -8.41 7.26
N GLY B 62 10.00 -8.39 6.53
CA GLY B 62 11.33 -8.45 7.11
C GLY B 62 11.64 -7.36 8.11
N ALA B 63 11.40 -6.12 7.73
CA ALA B 63 11.76 -4.98 8.57
C ALA B 63 11.12 -5.06 9.95
N SER B 64 9.87 -5.47 10.01
CA SER B 64 9.15 -5.49 11.28
C SER B 64 9.66 -6.58 12.19
N CYS B 65 10.41 -7.52 11.63
CA CYS B 65 10.99 -8.59 12.42
C CYS B 65 12.45 -8.36 12.78
N CYS B 66 13.02 -7.26 12.31
CA CYS B 66 14.40 -6.94 12.61
C CYS B 66 14.50 -6.15 13.90
N LEU B 67 15.26 -6.69 14.84
CA LEU B 67 15.41 -6.09 16.16
C LEU B 67 16.04 -4.71 16.08
N TYR B 68 17.05 -4.60 15.22
CA TYR B 68 17.79 -3.36 15.08
C TYR B 68 16.96 -2.31 14.39
N CYS B 69 16.13 -2.74 13.45
CA CYS B 69 15.21 -1.83 12.78
C CYS B 69 14.13 -1.33 13.74
N ARG B 70 13.53 -2.25 14.49
CA ARG B 70 12.44 -1.90 15.38
C ARG B 70 12.88 -1.03 16.54
N CYS B 71 14.12 -1.20 16.97
CA CYS B 71 14.63 -0.46 18.13
C CYS B 71 15.35 0.81 17.75
N HIS B 72 15.39 1.11 16.45
CA HIS B 72 16.04 2.31 15.94
C HIS B 72 17.49 2.39 16.37
N ILE B 73 18.24 1.32 16.11
CA ILE B 73 19.65 1.28 16.44
C ILE B 73 20.46 0.74 15.26
N ASP B 74 21.78 0.89 15.34
CA ASP B 74 22.65 0.45 14.25
C ASP B 74 22.63 -1.06 14.11
N HIS B 75 22.87 -1.54 12.89
CA HIS B 75 22.98 -2.96 12.62
C HIS B 75 24.41 -3.43 12.85
N PRO B 76 24.57 -4.64 13.42
CA PRO B 76 25.88 -5.21 13.77
C PRO B 76 26.67 -5.76 12.59
N ASN B 77 27.29 -4.86 11.82
CA ASN B 77 28.23 -5.20 10.76
C ASN B 77 28.78 -3.90 10.17
N PRO B 78 30.03 -3.91 9.72
CA PRO B 78 30.70 -2.71 9.21
C PRO B 78 29.88 -1.93 8.18
N LYS B 79 29.12 -2.65 7.35
CA LYS B 79 28.30 -2.01 6.35
C LYS B 79 27.00 -1.49 6.95
N GLY B 80 26.64 -2.02 8.12
CA GLY B 80 25.38 -1.68 8.75
C GLY B 80 24.20 -2.24 7.98
N PHE B 81 24.49 -3.22 7.13
CA PHE B 81 23.50 -3.84 6.25
C PHE B 81 22.44 -4.62 7.01
N CYS B 82 21.22 -4.63 6.48
CA CYS B 82 20.12 -5.37 7.09
C CYS B 82 19.57 -6.43 6.14
N ASP B 83 19.74 -7.69 6.51
CA ASP B 83 19.38 -8.79 5.63
C ASP B 83 17.90 -9.15 5.72
N LEU B 84 17.17 -8.41 6.55
CA LEU B 84 15.74 -8.66 6.75
C LEU B 84 14.88 -7.69 5.97
N LYS B 85 15.05 -6.40 6.24
CA LYS B 85 14.27 -5.36 5.60
C LYS B 85 14.26 -5.50 4.08
N GLY B 86 13.08 -5.30 3.50
CA GLY B 86 12.91 -5.38 2.06
C GLY B 86 12.56 -6.80 1.63
N LYS B 87 12.62 -7.72 2.58
CA LYS B 87 12.37 -9.13 2.30
C LYS B 87 11.29 -9.69 3.22
N TYR B 88 11.08 -11.00 3.15
CA TYR B 88 10.09 -11.65 3.98
C TYR B 88 10.71 -12.81 4.73
N VAL B 89 10.30 -13.00 5.97
CA VAL B 89 10.89 -14.03 6.81
C VAL B 89 9.82 -15.04 7.22
N GLN B 90 10.19 -16.31 7.15
CA GLN B 90 9.28 -17.39 7.47
C GLN B 90 9.51 -17.87 8.90
N ILE B 91 8.50 -17.71 9.73
CA ILE B 91 8.58 -18.14 11.13
C ILE B 91 7.69 -19.35 11.34
N PRO B 92 8.23 -20.42 11.93
CA PRO B 92 7.42 -21.57 12.31
C PRO B 92 6.22 -21.13 13.13
N THR B 93 5.04 -21.64 12.78
CA THR B 93 3.79 -21.17 13.36
C THR B 93 3.80 -21.24 14.88
N THR B 94 4.54 -22.20 15.43
CA THR B 94 4.62 -22.38 16.86
C THR B 94 5.42 -21.26 17.53
N CYS B 95 6.36 -20.69 16.79
CA CYS B 95 7.22 -19.64 17.33
C CYS B 95 6.75 -18.25 16.96
N ALA B 96 5.61 -18.16 16.28
CA ALA B 96 5.19 -16.92 15.66
C ALA B 96 4.75 -15.83 16.63
N ASN B 97 4.68 -16.14 17.92
CA ASN B 97 4.35 -15.12 18.90
C ASN B 97 5.51 -14.16 19.13
N ASP B 98 6.72 -14.60 18.77
CA ASP B 98 7.90 -13.75 18.90
C ASP B 98 8.84 -13.94 17.71
N PRO B 99 8.49 -13.34 16.56
CA PRO B 99 9.29 -13.46 15.34
C PRO B 99 10.67 -12.83 15.47
N VAL B 100 10.77 -11.77 16.25
CA VAL B 100 12.04 -11.09 16.45
C VAL B 100 12.99 -11.97 17.23
N GLY B 101 12.48 -12.54 18.33
CA GLY B 101 13.26 -13.46 19.13
C GLY B 101 13.76 -14.62 18.32
N PHE B 102 12.90 -15.14 17.44
CA PHE B 102 13.26 -16.30 16.63
C PHE B 102 14.43 -15.99 15.72
N THR B 103 14.28 -14.98 14.88
CA THR B 103 15.29 -14.61 13.91
C THR B 103 16.62 -14.31 14.58
N LEU B 104 16.53 -13.80 15.80
CA LEU B 104 17.70 -13.47 16.60
C LEU B 104 18.45 -14.73 17.02
N LYS B 105 17.72 -15.68 17.60
CA LYS B 105 18.33 -16.87 18.19
C LYS B 105 18.68 -17.95 17.18
N ASN B 106 18.09 -17.92 15.99
CA ASN B 106 18.33 -18.99 15.02
C ASN B 106 19.24 -18.58 13.88
N THR B 107 19.54 -19.54 13.00
CA THR B 107 20.55 -19.35 11.97
C THR B 107 20.13 -19.98 10.65
N VAL B 108 20.41 -19.31 9.54
CA VAL B 108 20.01 -19.78 8.23
C VAL B 108 21.09 -20.65 7.61
N CYS B 109 20.71 -21.87 7.20
CA CYS B 109 21.65 -22.76 6.53
C CYS B 109 22.07 -22.19 5.19
N THR B 110 23.38 -22.08 4.97
CA THR B 110 23.90 -21.44 3.78
C THR B 110 23.60 -22.20 2.50
N VAL B 111 23.72 -23.52 2.54
CA VAL B 111 23.56 -24.32 1.32
C VAL B 111 22.11 -24.54 0.92
N CYS B 112 21.25 -24.93 1.86
CA CYS B 112 19.86 -25.21 1.50
C CYS B 112 18.92 -24.04 1.75
N GLY B 113 19.44 -22.96 2.31
CA GLY B 113 18.66 -21.75 2.52
C GLY B 113 17.55 -21.84 3.57
N MET B 114 17.44 -22.98 4.23
CA MET B 114 16.41 -23.15 5.25
C MET B 114 16.93 -22.75 6.62
N TRP B 115 16.07 -22.80 7.63
CA TRP B 115 16.50 -22.53 8.99
C TRP B 115 17.26 -23.73 9.51
N LYS B 116 18.42 -23.51 10.10
CA LYS B 116 19.14 -24.61 10.72
C LYS B 116 18.36 -25.05 11.95
N GLY B 117 18.00 -26.32 11.98
CA GLY B 117 17.23 -26.88 13.08
C GLY B 117 15.76 -26.93 12.77
N TYR B 118 15.31 -26.10 11.82
CA TYR B 118 13.95 -26.19 11.33
C TYR B 118 13.93 -26.40 9.81
N GLY B 119 13.56 -27.58 9.37
CA GLY B 119 13.46 -27.87 7.95
C GLY B 119 14.77 -28.00 7.19
N CYS B 120 15.91 -27.99 7.87
CA CYS B 120 17.19 -28.19 7.20
C CYS B 120 17.67 -29.62 7.32
N SER B 121 17.77 -30.30 6.18
CA SER B 121 18.18 -31.71 6.17
C SER B 121 19.67 -31.87 5.94
N CYS B 122 20.37 -30.74 5.83
CA CYS B 122 21.81 -30.75 5.59
C CYS B 122 22.59 -31.16 6.84
#